data_5Y9X
#
_entry.id   5Y9X
#
_cell.length_a   46.038
_cell.length_b   59.263
_cell.length_c   116.253
_cell.angle_alpha   90.000
_cell.angle_beta   90.000
_cell.angle_gamma   90.000
#
_symmetry.space_group_name_H-M   'P 21 21 21'
#
loop_
_entity.id
_entity.type
_entity.pdbx_description
1 polymer 'Uncharacterized protein KdoO'
2 non-polymer 'COBALT (II) ION'
3 non-polymer '2-OXOGLUTARIC ACID'
4 non-polymer 'TETRAETHYLENE GLYCOL'
5 non-polymer 'SULFATE ION'
6 non-polymer 'ACETATE ION'
7 non-polymer GLYCEROL
8 non-polymer 'CHLORIDE ION'
9 water water
#
_entity_poly.entity_id   1
_entity_poly.type   'polypeptide(L)'
_entity_poly.pdbx_seq_one_letter_code
;MFPMDTKTNEQPIIQFDAESWEAEFTQEIQDKAIEGLESGSVLFFPKLNFPLLTEELKFLDPTWVSGAKNISYDPRSATL
KGVEGKSEDLRLLSGLLKRYAEKTAAFLHLLFPFYGSSLKIARTSFRPVEISGRATSARKDDTRLHVDAFPSSPTGGERI
LRVFSNINPQGKPRSWRIGEPFQNYLNHLLPQLSPPAPGKRFLLYLFGITKGYRSLYDHYMLELHDKGKLDLEYQKNSPQ
VAFDFPAGSTWIVFTDQVLHAVDKGQFLLEQTFHLKVNALKHPEKSPLKLLETALNKKLVSSESFKLAAALEHHHHHH
;
_entity_poly.pdbx_strand_id   A
#
loop_
_chem_comp.id
_chem_comp.type
_chem_comp.name
_chem_comp.formula
ACT non-polymer 'ACETATE ION' 'C2 H3 O2 -1'
AKG non-polymer '2-OXOGLUTARIC ACID' 'C5 H6 O5'
CL non-polymer 'CHLORIDE ION' 'Cl -1'
CO non-polymer 'COBALT (II) ION' 'Co 2'
GOL non-polymer GLYCEROL 'C3 H8 O3'
PG4 non-polymer 'TETRAETHYLENE GLYCOL' 'C8 H18 O5'
SO4 non-polymer 'SULFATE ION' 'O4 S -2'
#
# COMPACT_ATOMS: atom_id res chain seq x y z
N GLN A 11 -2.34 15.08 12.25
CA GLN A 11 -1.64 13.98 12.91
C GLN A 11 -1.27 12.94 11.89
N PRO A 12 -0.20 13.30 11.11
CA PRO A 12 0.17 12.35 10.05
C PRO A 12 0.72 10.99 10.46
N ILE A 13 1.32 10.94 11.63
CA ILE A 13 1.87 9.74 12.21
C ILE A 13 1.39 9.52 13.62
N ILE A 14 0.81 8.37 13.88
CA ILE A 14 0.38 8.03 15.21
C ILE A 14 1.29 6.90 15.74
N GLN A 15 1.97 7.15 16.85
CA GLN A 15 2.91 6.18 17.42
C GLN A 15 2.25 5.27 18.43
N PHE A 16 2.60 4.01 18.34
CA PHE A 16 2.08 2.95 19.19
C PHE A 16 3.23 2.23 19.94
N ASP A 17 2.93 1.67 21.09
CA ASP A 17 3.92 0.99 21.92
C ASP A 17 4.08 -0.50 21.59
N ALA A 18 3.17 -1.10 20.83
CA ALA A 18 3.22 -2.55 20.64
C ALA A 18 4.56 -3.01 20.08
N GLU A 19 5.07 -4.08 20.67
CA GLU A 19 6.40 -4.58 20.39
C GLU A 19 6.38 -5.99 19.81
N SER A 20 5.21 -6.63 19.75
CA SER A 20 5.12 -8.03 19.40
C SER A 20 4.04 -8.22 18.34
N TRP A 21 4.28 -9.19 17.45
CA TRP A 21 3.26 -9.56 16.46
C TRP A 21 2.07 -10.25 17.12
N GLU A 22 2.21 -10.65 18.38
CA GLU A 22 1.14 -11.23 19.17
C GLU A 22 0.70 -10.29 20.28
N ALA A 23 0.87 -8.99 20.07
CA ALA A 23 0.59 -8.01 21.12
C ALA A 23 -0.88 -8.06 21.54
N GLU A 24 -1.12 -7.90 22.84
CA GLU A 24 -2.46 -7.77 23.35
C GLU A 24 -2.86 -6.29 23.31
N PHE A 25 -4.04 -6.01 22.76
CA PHE A 25 -4.52 -4.64 22.62
C PHE A 25 -5.76 -4.43 23.45
N THR A 26 -5.80 -3.31 24.18
CA THR A 26 -7.06 -2.87 24.75
C THR A 26 -7.95 -2.32 23.64
N GLN A 27 -9.26 -2.28 23.91
CA GLN A 27 -10.17 -1.67 22.95
C GLN A 27 -9.86 -0.19 22.73
N GLU A 28 -9.33 0.49 23.74
CA GLU A 28 -8.97 1.90 23.56
C GLU A 28 -7.87 2.06 22.52
N ILE A 29 -6.87 1.18 22.54
CA ILE A 29 -5.83 1.25 21.52
C ILE A 29 -6.37 0.83 20.16
N GLN A 30 -7.23 -0.18 20.13
CA GLN A 30 -7.90 -0.55 18.88
C GLN A 30 -8.68 0.62 18.31
N ASP A 31 -9.38 1.37 19.16
CA ASP A 31 -10.13 2.52 18.68
C ASP A 31 -9.21 3.60 18.13
N LYS A 32 -8.12 3.89 18.84
CA LYS A 32 -7.13 4.84 18.33
C LYS A 32 -6.59 4.41 16.97
N ALA A 33 -6.35 3.11 16.80
CA ALA A 33 -5.79 2.60 15.55
C ALA A 33 -6.78 2.74 14.40
N ILE A 34 -8.03 2.30 14.58
CA ILE A 34 -8.96 2.32 13.46
C ILE A 34 -9.35 3.75 13.10
N GLU A 35 -9.53 4.62 14.11
CA GLU A 35 -9.84 6.01 13.81
C GLU A 35 -8.69 6.68 13.08
N GLY A 36 -7.46 6.43 13.52
CA GLY A 36 -6.32 7.02 12.85
C GLY A 36 -6.13 6.49 11.45
N LEU A 37 -6.22 5.17 11.29
CA LEU A 37 -6.06 4.56 9.97
C LEU A 37 -7.08 5.13 8.98
N GLU A 38 -8.35 5.18 9.36
CA GLU A 38 -9.38 5.63 8.44
C GLU A 38 -9.34 7.13 8.19
N SER A 39 -8.74 7.90 9.12
CA SER A 39 -8.53 9.32 8.91
CA SER A 39 -8.54 9.32 8.91
C SER A 39 -7.31 9.63 8.07
N GLY A 40 -6.57 8.61 7.64
CA GLY A 40 -5.42 8.85 6.80
C GLY A 40 -4.12 9.10 7.53
N SER A 41 -3.99 8.63 8.77
CA SER A 41 -2.71 8.64 9.45
C SER A 41 -1.93 7.36 9.16
N VAL A 42 -0.61 7.45 9.29
CA VAL A 42 0.25 6.27 9.33
C VAL A 42 0.32 5.79 10.77
N LEU A 43 0.06 4.51 10.99
CA LEU A 43 0.22 3.92 12.31
C LEU A 43 1.64 3.39 12.41
N PHE A 44 2.39 3.87 13.41
CA PHE A 44 3.83 3.64 13.48
C PHE A 44 4.16 2.85 14.74
N PHE A 45 4.90 1.75 14.57
CA PHE A 45 5.28 0.82 15.64
C PHE A 45 6.80 0.76 15.70
N PRO A 46 7.43 1.71 16.39
CA PRO A 46 8.91 1.75 16.41
C PRO A 46 9.55 0.52 17.00
N LYS A 47 8.85 -0.22 17.85
CA LYS A 47 9.42 -1.34 18.58
C LYS A 47 9.06 -2.68 17.96
N LEU A 48 8.33 -2.69 16.85
CA LEU A 48 7.83 -3.92 16.25
C LEU A 48 8.79 -4.34 15.14
N ASN A 49 9.77 -5.17 15.50
CA ASN A 49 10.76 -5.69 14.59
C ASN A 49 10.26 -6.98 13.96
N PHE A 50 10.67 -7.25 12.73
CA PHE A 50 10.43 -8.54 12.10
C PHE A 50 11.75 -9.28 11.97
N PRO A 51 12.07 -10.20 12.87
CA PRO A 51 13.39 -10.85 12.80
C PRO A 51 13.47 -11.86 11.67
N LEU A 52 14.68 -12.00 11.14
CA LEU A 52 15.01 -13.00 10.15
C LEU A 52 15.76 -14.16 10.83
N LEU A 53 15.53 -15.36 10.31
CA LEU A 53 16.31 -16.51 10.73
C LEU A 53 17.73 -16.38 10.19
N THR A 54 18.68 -17.02 10.88
CA THR A 54 20.05 -17.07 10.39
C THR A 54 20.11 -17.55 8.94
N GLU A 55 19.31 -18.58 8.61
CA GLU A 55 19.30 -19.14 7.27
CA GLU A 55 19.29 -19.15 7.27
C GLU A 55 18.62 -18.25 6.25
N GLU A 56 18.07 -17.09 6.65
CA GLU A 56 17.46 -16.14 5.74
C GLU A 56 18.33 -14.91 5.53
N LEU A 57 19.40 -14.74 6.31
CA LEU A 57 20.22 -13.53 6.21
C LEU A 57 20.82 -13.38 4.82
N LYS A 58 21.06 -14.49 4.12
CA LYS A 58 21.63 -14.43 2.78
C LYS A 58 20.73 -13.71 1.80
N PHE A 59 19.44 -13.57 2.12
CA PHE A 59 18.52 -12.87 1.23
C PHE A 59 18.62 -11.36 1.34
N LEU A 60 19.39 -10.85 2.32
CA LEU A 60 19.64 -9.41 2.42
C LEU A 60 20.74 -9.05 1.42
N ASP A 61 20.37 -9.15 0.15
CA ASP A 61 21.30 -9.12 -0.97
C ASP A 61 20.47 -8.78 -2.21
N PRO A 62 20.72 -7.62 -2.84
CA PRO A 62 19.88 -7.21 -3.98
C PRO A 62 19.98 -8.10 -5.20
N THR A 63 21.02 -8.94 -5.30
CA THR A 63 21.17 -9.75 -6.51
C THR A 63 20.17 -10.90 -6.59
N TRP A 64 19.34 -11.12 -5.57
CA TRP A 64 18.26 -12.08 -5.70
C TRP A 64 17.19 -11.63 -6.69
N VAL A 65 17.06 -10.33 -6.94
CA VAL A 65 16.07 -9.84 -7.88
C VAL A 65 16.49 -10.22 -9.30
N SER A 66 15.63 -10.94 -10.00
CA SER A 66 15.99 -11.48 -11.31
C SER A 66 15.49 -10.64 -12.48
N GLY A 67 14.44 -9.84 -12.27
CA GLY A 67 13.86 -9.08 -13.36
C GLY A 67 13.53 -7.65 -13.00
N ALA A 68 12.53 -7.08 -13.67
CA ALA A 68 12.17 -5.68 -13.48
C ALA A 68 11.41 -5.42 -12.19
N LYS A 69 10.72 -6.44 -11.66
CA LYS A 69 9.89 -6.26 -10.47
C LYS A 69 10.64 -6.69 -9.23
N ASN A 70 10.15 -6.22 -8.08
CA ASN A 70 10.62 -6.75 -6.81
C ASN A 70 10.15 -8.20 -6.64
N ILE A 71 10.67 -8.85 -5.63
CA ILE A 71 10.30 -10.22 -5.33
C ILE A 71 8.92 -10.22 -4.69
N SER A 72 8.04 -11.13 -5.11
CA SER A 72 6.68 -11.15 -4.62
CA SER A 72 6.67 -11.16 -4.66
C SER A 72 6.26 -12.56 -4.26
N TYR A 73 5.34 -12.66 -3.30
CA TYR A 73 4.79 -13.94 -2.86
C TYR A 73 3.29 -13.78 -2.73
N ASP A 74 2.54 -14.74 -3.24
CA ASP A 74 1.09 -14.71 -3.08
C ASP A 74 0.71 -15.73 -2.02
N PRO A 75 0.33 -15.31 -0.81
CA PRO A 75 0.01 -16.29 0.24
C PRO A 75 -1.18 -17.16 -0.10
N ARG A 76 -2.10 -16.69 -0.93
CA ARG A 76 -3.29 -17.47 -1.27
C ARG A 76 -2.93 -18.70 -2.09
N SER A 77 -1.95 -18.57 -2.99
CA SER A 77 -1.54 -19.64 -3.89
C SER A 77 -0.18 -20.21 -3.54
N ALA A 78 0.50 -19.67 -2.53
CA ALA A 78 1.83 -20.13 -2.12
C ALA A 78 2.83 -20.06 -3.28
N THR A 79 2.82 -18.95 -4.00
CA THR A 79 3.62 -18.82 -5.22
C THR A 79 4.57 -17.64 -5.08
N LEU A 80 5.85 -17.89 -5.36
CA LEU A 80 6.93 -16.92 -5.29
C LEU A 80 7.35 -16.51 -6.70
N LYS A 81 7.48 -15.21 -6.95
CA LYS A 81 7.84 -14.68 -8.26
C LYS A 81 8.95 -13.64 -8.12
N GLY A 82 9.64 -13.34 -9.24
CA GLY A 82 10.67 -12.33 -9.32
C GLY A 82 12.08 -12.66 -8.90
N VAL A 83 12.28 -13.94 -8.69
CA VAL A 83 13.53 -14.50 -8.24
C VAL A 83 13.73 -15.90 -8.85
N GLU A 84 14.98 -16.23 -9.18
CA GLU A 84 15.37 -17.51 -9.75
C GLU A 84 16.43 -18.13 -8.90
N GLY A 85 16.57 -19.42 -8.95
CA GLY A 85 17.61 -20.09 -8.19
C GLY A 85 17.26 -21.50 -7.84
N LYS A 86 18.06 -22.12 -7.01
CA LYS A 86 17.83 -23.46 -6.57
C LYS A 86 16.52 -23.61 -5.83
N SER A 87 15.87 -24.74 -5.94
CA SER A 87 14.62 -24.97 -5.26
C SER A 87 14.73 -24.74 -3.76
N GLU A 88 15.83 -25.16 -3.20
CA GLU A 88 16.01 -25.00 -1.76
C GLU A 88 16.07 -23.55 -1.33
N ASP A 89 16.71 -22.72 -2.13
CA ASP A 89 16.79 -21.31 -1.81
C ASP A 89 15.40 -20.67 -1.98
N LEU A 90 14.69 -21.06 -3.01
CA LEU A 90 13.33 -20.59 -3.26
C LEU A 90 12.40 -21.04 -2.16
N ARG A 91 12.58 -22.23 -1.61
CA ARG A 91 11.80 -22.69 -0.48
C ARG A 91 12.05 -21.82 0.75
N LEU A 92 13.32 -21.52 1.03
CA LEU A 92 13.65 -20.65 2.15
C LEU A 92 13.07 -19.26 1.98
N LEU A 93 13.18 -18.70 0.77
CA LEU A 93 12.70 -17.35 0.55
C LEU A 93 11.18 -17.29 0.62
N SER A 94 10.50 -18.30 0.04
CA SER A 94 9.05 -18.42 0.21
C SER A 94 8.68 -18.49 1.68
N GLY A 95 9.45 -19.24 2.47
CA GLY A 95 9.16 -19.33 3.90
C GLY A 95 9.25 -17.99 4.60
N LEU A 96 10.23 -17.17 4.21
CA LEU A 96 10.37 -15.84 4.79
C LEU A 96 9.15 -14.98 4.50
N LEU A 97 8.77 -14.90 3.23
CA LEU A 97 7.63 -14.06 2.88
C LEU A 97 6.32 -14.63 3.42
N LYS A 98 6.19 -15.97 3.48
CA LYS A 98 5.00 -16.56 4.09
C LYS A 98 4.91 -16.22 5.56
N ARG A 99 6.04 -16.24 6.28
CA ARG A 99 6.00 -15.87 7.68
C ARG A 99 5.59 -14.41 7.84
N TYR A 100 6.07 -13.53 6.95
CA TYR A 100 5.64 -12.14 7.01
C TYR A 100 4.13 -12.03 6.79
N ALA A 101 3.61 -12.77 5.81
CA ALA A 101 2.17 -12.79 5.57
C ALA A 101 1.39 -13.24 6.80
N GLU A 102 1.86 -14.32 7.44
CA GLU A 102 1.16 -14.84 8.61
C GLU A 102 1.23 -13.88 9.80
N LYS A 103 2.41 -13.31 10.06
CA LYS A 103 2.55 -12.45 11.23
C LYS A 103 1.77 -11.15 11.04
N THR A 104 1.85 -10.54 9.86
CA THR A 104 1.08 -9.32 9.62
C THR A 104 -0.42 -9.60 9.68
N ALA A 105 -0.86 -10.73 9.13
CA ALA A 105 -2.29 -11.03 9.15
C ALA A 105 -2.79 -11.23 10.57
N ALA A 106 -2.02 -11.96 11.39
CA ALA A 106 -2.41 -12.17 12.77
C ALA A 106 -2.46 -10.84 13.52
N PHE A 107 -1.43 -10.01 13.34
CA PHE A 107 -1.38 -8.70 13.99
C PHE A 107 -2.58 -7.84 13.61
N LEU A 108 -2.94 -7.83 12.32
CA LEU A 108 -4.09 -7.02 11.90
C LEU A 108 -5.39 -7.53 12.53
N HIS A 109 -5.52 -8.86 12.68
CA HIS A 109 -6.72 -9.37 13.34
C HIS A 109 -6.75 -9.06 14.82
N LEU A 110 -5.58 -8.97 15.47
CA LEU A 110 -5.53 -8.57 16.87
C LEU A 110 -5.87 -7.09 17.03
N LEU A 111 -5.43 -6.26 16.08
CA LEU A 111 -5.57 -4.81 16.19
C LEU A 111 -6.89 -4.29 15.64
N PHE A 112 -7.47 -4.96 14.65
CA PHE A 112 -8.67 -4.46 13.96
C PHE A 112 -9.80 -5.48 13.96
N PRO A 113 -10.30 -5.89 15.13
CA PRO A 113 -11.45 -6.80 15.15
C PRO A 113 -12.69 -6.24 14.45
N PHE A 114 -12.83 -4.92 14.36
CA PHE A 114 -13.99 -4.36 13.67
C PHE A 114 -14.05 -4.84 12.21
N TYR A 115 -12.89 -5.03 11.57
CA TYR A 115 -12.90 -5.51 10.20
C TYR A 115 -13.21 -6.99 10.11
N GLY A 116 -13.09 -7.72 11.22
CA GLY A 116 -13.44 -9.12 11.23
C GLY A 116 -12.74 -9.90 10.13
N SER A 117 -13.52 -10.70 9.42
CA SER A 117 -13.01 -11.51 8.33
C SER A 117 -13.01 -10.78 7.00
N SER A 118 -13.28 -9.49 7.00
CA SER A 118 -13.28 -8.73 5.75
C SER A 118 -11.87 -8.44 5.25
N LEU A 119 -10.85 -8.57 6.09
CA LEU A 119 -9.48 -8.40 5.62
C LEU A 119 -9.11 -9.55 4.72
N LYS A 120 -8.76 -9.25 3.46
CA LYS A 120 -8.38 -10.27 2.49
C LYS A 120 -6.93 -10.07 2.11
N ILE A 121 -6.08 -11.04 2.41
CA ILE A 121 -4.67 -10.84 2.14
C ILE A 121 -4.41 -10.85 0.64
N ALA A 122 -3.43 -10.04 0.21
CA ALA A 122 -2.99 -10.02 -1.17
C ALA A 122 -1.48 -10.27 -1.20
N ARG A 123 -0.72 -9.61 -2.08
CA ARG A 123 0.66 -9.98 -2.31
C ARG A 123 1.61 -9.45 -1.24
N THR A 124 2.61 -10.28 -0.92
CA THR A 124 3.75 -9.90 -0.11
C THR A 124 4.88 -9.44 -1.03
N SER A 125 5.65 -8.45 -0.58
CA SER A 125 6.76 -7.92 -1.37
C SER A 125 8.03 -7.92 -0.50
N PHE A 126 9.15 -8.30 -1.11
CA PHE A 126 10.46 -8.18 -0.48
C PHE A 126 11.30 -7.29 -1.38
N ARG A 127 11.84 -6.21 -0.80
CA ARG A 127 12.47 -5.15 -1.58
C ARG A 127 13.90 -4.97 -1.10
N PRO A 128 14.86 -5.66 -1.72
CA PRO A 128 16.26 -5.61 -1.26
C PRO A 128 17.15 -4.60 -2.00
N VAL A 129 16.61 -3.78 -2.90
CA VAL A 129 17.42 -2.82 -3.66
C VAL A 129 17.35 -1.46 -2.99
N GLU A 130 18.50 -0.79 -2.88
CA GLU A 130 18.55 0.53 -2.26
C GLU A 130 17.75 1.54 -3.07
N ILE A 131 16.89 2.30 -2.39
CA ILE A 131 15.97 3.24 -3.04
C ILE A 131 16.74 4.39 -3.71
N SER A 132 17.80 4.89 -3.07
CA SER A 132 18.41 6.12 -3.56
C SER A 132 19.10 5.93 -4.91
N GLY A 133 19.35 4.70 -5.32
CA GLY A 133 19.90 4.44 -6.63
C GLY A 133 18.87 4.16 -7.70
N ARG A 134 17.59 4.14 -7.35
CA ARG A 134 16.55 3.82 -8.32
C ARG A 134 16.28 5.01 -9.23
N ALA A 135 15.82 4.71 -10.44
CA ALA A 135 15.44 5.72 -11.42
C ALA A 135 14.49 5.05 -12.40
N THR A 136 13.27 5.56 -12.49
CA THR A 136 12.22 4.96 -13.32
C THR A 136 11.57 6.08 -14.12
N SER A 137 10.53 5.72 -14.88
CA SER A 137 9.68 6.73 -15.50
C SER A 137 9.04 7.57 -14.39
N ALA A 138 8.60 8.78 -14.78
CA ALA A 138 7.98 9.68 -13.81
C ALA A 138 6.79 9.00 -13.14
N ARG A 139 5.97 8.28 -13.90
CA ARG A 139 4.77 7.66 -13.32
C ARG A 139 5.12 6.55 -12.34
N LYS A 140 6.24 5.86 -12.54
CA LYS A 140 6.65 4.78 -11.65
C LYS A 140 7.57 5.24 -10.53
N ASP A 141 7.94 6.52 -10.51
CA ASP A 141 8.95 7.04 -9.60
C ASP A 141 8.29 7.30 -8.25
N ASP A 142 8.58 6.42 -7.28
CA ASP A 142 7.95 6.54 -5.97
C ASP A 142 8.68 7.48 -5.03
N THR A 143 9.68 8.24 -5.52
CA THR A 143 10.09 9.44 -4.80
C THR A 143 9.10 10.57 -4.99
N ARG A 144 8.08 10.39 -5.83
CA ARG A 144 7.06 11.39 -6.03
C ARG A 144 5.82 11.00 -5.21
N LEU A 145 5.28 11.97 -4.48
CA LEU A 145 4.11 11.72 -3.66
C LEU A 145 2.96 11.19 -4.50
N HIS A 146 2.30 10.16 -3.99
CA HIS A 146 1.21 9.53 -4.72
C HIS A 146 0.35 8.76 -3.74
N VAL A 147 -0.88 8.45 -4.18
CA VAL A 147 -1.65 7.35 -3.62
C VAL A 147 -1.47 6.16 -4.55
N ASP A 148 -1.62 4.96 -4.00
CA ASP A 148 -1.35 3.74 -4.78
C ASP A 148 -2.48 3.46 -5.75
N ALA A 149 -2.09 3.21 -7.00
CA ALA A 149 -2.99 2.83 -8.07
C ALA A 149 -2.12 2.16 -9.11
N PHE A 150 -2.52 0.99 -9.57
CA PHE A 150 -1.66 0.19 -10.42
C PHE A 150 -2.39 -0.09 -11.72
N PRO A 151 -1.84 0.35 -12.86
CA PRO A 151 -2.62 0.28 -14.12
C PRO A 151 -3.04 -1.13 -14.50
N SER A 152 -2.25 -2.14 -14.17
CA SER A 152 -2.58 -3.51 -14.55
CA SER A 152 -2.59 -3.50 -14.56
C SER A 152 -3.54 -4.19 -13.60
N SER A 153 -3.80 -3.59 -12.43
CA SER A 153 -4.51 -4.28 -11.35
C SER A 153 -5.58 -3.39 -10.75
N PRO A 154 -6.72 -3.23 -11.42
CA PRO A 154 -7.80 -2.43 -10.84
C PRO A 154 -8.34 -3.05 -9.56
N THR A 155 -8.82 -2.18 -8.67
CA THR A 155 -9.33 -2.57 -7.36
C THR A 155 -10.84 -2.75 -7.31
N GLY A 156 -11.57 -2.18 -8.27
CA GLY A 156 -13.01 -2.15 -8.16
C GLY A 156 -13.50 -1.44 -6.92
N GLY A 157 -12.71 -0.51 -6.38
CA GLY A 157 -13.08 0.25 -5.21
C GLY A 157 -12.52 -0.27 -3.91
N GLU A 158 -12.02 -1.50 -3.89
CA GLU A 158 -11.52 -2.07 -2.64
CA GLU A 158 -11.53 -2.06 -2.63
C GLU A 158 -10.31 -1.28 -2.15
N ARG A 159 -10.12 -1.28 -0.84
CA ARG A 159 -9.02 -0.54 -0.24
C ARG A 159 -7.70 -1.28 -0.41
N ILE A 160 -6.62 -0.50 -0.51
CA ILE A 160 -5.25 -1.00 -0.49
C ILE A 160 -4.67 -0.65 0.87
N LEU A 161 -4.53 -1.66 1.74
CA LEU A 161 -4.00 -1.51 3.09
C LEU A 161 -2.64 -2.21 3.12
N ARG A 162 -1.60 -1.49 3.54
CA ARG A 162 -0.26 -2.06 3.50
C ARG A 162 0.39 -2.03 4.87
N VAL A 163 1.10 -3.11 5.19
CA VAL A 163 1.95 -3.21 6.38
C VAL A 163 3.39 -3.28 5.89
N PHE A 164 4.26 -2.49 6.53
CA PHE A 164 5.65 -2.35 6.11
C PHE A 164 6.54 -2.62 7.30
N SER A 165 7.67 -3.31 7.08
CA SER A 165 8.68 -3.50 8.11
C SER A 165 10.06 -3.23 7.54
N ASN A 166 10.82 -2.36 8.21
CA ASN A 166 12.20 -2.07 7.82
C ASN A 166 13.10 -3.09 8.48
N ILE A 167 13.75 -3.94 7.68
CA ILE A 167 14.57 -5.02 8.21
C ILE A 167 16.04 -4.79 7.86
N ASN A 168 16.41 -3.53 7.67
CA ASN A 168 17.80 -3.23 7.32
C ASN A 168 18.74 -3.69 8.45
N PRO A 169 19.77 -4.47 8.14
CA PRO A 169 20.64 -5.01 9.19
C PRO A 169 21.78 -4.09 9.61
N GLN A 170 21.95 -2.96 8.95
CA GLN A 170 22.97 -1.97 9.29
C GLN A 170 22.39 -0.74 9.98
N GLY A 171 21.15 -0.84 10.46
CA GLY A 171 20.54 0.25 11.20
C GLY A 171 20.05 1.40 10.36
N LYS A 172 19.95 1.24 9.03
CA LYS A 172 19.59 2.38 8.20
C LYS A 172 18.08 2.57 8.19
N PRO A 173 17.61 3.81 8.32
CA PRO A 173 16.16 4.08 8.27
C PRO A 173 15.63 3.97 6.85
N ARG A 174 14.31 3.97 6.75
CA ARG A 174 13.63 4.09 5.47
C ARG A 174 12.98 5.47 5.44
N SER A 175 13.44 6.31 4.54
CA SER A 175 13.07 7.73 4.55
C SER A 175 11.82 7.92 3.69
N TRP A 176 10.72 8.27 4.32
CA TRP A 176 9.47 8.57 3.65
C TRP A 176 9.18 10.07 3.70
N ARG A 177 8.31 10.49 2.80
CA ARG A 177 7.56 11.74 2.97
C ARG A 177 6.07 11.40 2.94
N ILE A 178 5.31 12.09 3.78
CA ILE A 178 3.87 11.89 3.92
C ILE A 178 3.21 13.22 3.58
N GLY A 179 2.29 13.18 2.62
CA GLY A 179 1.68 14.39 2.08
C GLY A 179 0.38 14.76 2.75
N GLU A 180 -0.35 15.67 2.10
CA GLU A 180 -1.57 16.26 2.66
C GLU A 180 -2.74 15.29 2.55
N PRO A 181 -3.86 15.59 3.21
CA PRO A 181 -5.00 14.65 3.19
C PRO A 181 -5.52 14.40 1.78
N PHE A 182 -6.09 13.21 1.60
CA PHE A 182 -6.61 12.82 0.29
C PHE A 182 -7.57 13.83 -0.29
N GLN A 183 -8.49 14.36 0.53
CA GLN A 183 -9.47 15.30 0.00
C GLN A 183 -8.80 16.55 -0.58
N ASN A 184 -7.70 17.00 0.05
CA ASN A 184 -6.99 18.17 -0.46
CA ASN A 184 -6.99 18.17 -0.45
C ASN A 184 -6.25 17.85 -1.75
N TYR A 185 -5.66 16.65 -1.83
CA TYR A 185 -4.98 16.19 -3.03
C TYR A 185 -5.96 16.08 -4.19
N LEU A 186 -7.10 15.43 -3.95
CA LEU A 186 -8.16 15.36 -4.94
C LEU A 186 -8.59 16.75 -5.39
N ASN A 187 -8.82 17.65 -4.44
CA ASN A 187 -9.23 19.00 -4.82
C ASN A 187 -8.16 19.68 -5.66
N HIS A 188 -6.89 19.54 -5.27
CA HIS A 188 -5.83 20.18 -6.04
C HIS A 188 -5.81 19.70 -7.49
N LEU A 189 -6.00 18.39 -7.70
CA LEU A 189 -5.86 17.83 -9.03
C LEU A 189 -7.16 17.79 -9.80
N LEU A 190 -8.30 18.08 -9.15
CA LEU A 190 -9.59 18.01 -9.82
C LEU A 190 -9.64 18.74 -11.16
N PRO A 191 -9.11 19.97 -11.30
CA PRO A 191 -9.17 20.64 -12.61
C PRO A 191 -8.43 19.91 -13.71
N GLN A 192 -7.53 18.97 -13.37
CA GLN A 192 -6.76 18.22 -14.35
C GLN A 192 -7.41 16.89 -14.72
N LEU A 193 -8.44 16.45 -14.01
CA LEU A 193 -9.04 15.15 -14.27
C LEU A 193 -9.89 15.18 -15.54
N SER A 194 -10.01 14.01 -16.18
CA SER A 194 -10.72 13.89 -17.44
C SER A 194 -11.34 12.52 -17.50
N PRO A 195 -12.48 12.35 -18.16
CA PRO A 195 -13.08 11.03 -18.30
C PRO A 195 -12.25 10.16 -19.22
N PRO A 196 -12.37 8.85 -19.12
CA PRO A 196 -11.63 7.97 -20.03
C PRO A 196 -12.14 8.09 -21.45
N ALA A 197 -11.27 7.80 -22.41
CA ALA A 197 -11.68 7.75 -23.80
C ALA A 197 -12.71 6.64 -23.98
N PRO A 198 -13.83 6.91 -24.64
CA PRO A 198 -14.87 5.87 -24.78
C PRO A 198 -14.32 4.60 -25.39
N GLY A 199 -14.65 3.46 -24.78
CA GLY A 199 -14.24 2.16 -25.28
C GLY A 199 -12.85 1.72 -24.88
N LYS A 200 -12.00 2.62 -24.39
CA LYS A 200 -10.61 2.26 -24.15
C LYS A 200 -10.48 1.23 -23.02
N ARG A 201 -11.20 1.41 -21.93
CA ARG A 201 -11.08 0.46 -20.82
C ARG A 201 -11.57 -0.92 -21.22
N PHE A 202 -12.61 -0.98 -22.05
CA PHE A 202 -13.06 -2.28 -22.54
C PHE A 202 -11.97 -2.96 -23.36
N LEU A 203 -11.26 -2.21 -24.20
CA LEU A 203 -10.16 -2.78 -24.97
C LEU A 203 -9.02 -3.23 -24.07
N LEU A 204 -8.68 -2.46 -23.04
CA LEU A 204 -7.63 -2.89 -22.12
C LEU A 204 -7.99 -4.23 -21.49
N TYR A 205 -9.27 -4.42 -21.15
CA TYR A 205 -9.71 -5.69 -20.61
C TYR A 205 -9.66 -6.79 -21.66
N LEU A 206 -10.20 -6.54 -22.86
CA LEU A 206 -10.21 -7.57 -23.90
C LEU A 206 -8.81 -8.02 -24.27
N PHE A 207 -7.84 -7.11 -24.21
CA PHE A 207 -6.49 -7.42 -24.63
C PHE A 207 -5.60 -7.94 -23.50
N GLY A 208 -6.14 -8.05 -22.29
CA GLY A 208 -5.38 -8.57 -21.18
C GLY A 208 -4.40 -7.59 -20.58
N ILE A 209 -4.52 -6.31 -20.91
CA ILE A 209 -3.64 -5.30 -20.34
C ILE A 209 -3.98 -5.05 -18.88
N THR A 210 -5.26 -5.10 -18.54
CA THR A 210 -5.70 -5.00 -17.15
C THR A 210 -6.20 -6.37 -16.68
N LYS A 211 -5.96 -6.67 -15.41
CA LYS A 211 -6.49 -7.87 -14.76
C LYS A 211 -7.88 -7.51 -14.25
N GLY A 212 -8.90 -7.87 -15.01
CA GLY A 212 -10.24 -7.37 -14.75
C GLY A 212 -10.50 -6.10 -15.53
N TYR A 213 -11.67 -5.52 -15.29
CA TYR A 213 -12.09 -4.30 -15.96
C TYR A 213 -11.73 -3.11 -15.07
N ARG A 214 -11.11 -2.09 -15.67
CA ARG A 214 -10.78 -0.87 -14.93
C ARG A 214 -12.05 -0.05 -14.72
N SER A 215 -12.52 0.00 -13.49
CA SER A 215 -13.68 0.82 -13.15
C SER A 215 -13.35 2.31 -13.32
N LEU A 216 -14.41 3.13 -13.35
CA LEU A 216 -14.18 4.58 -13.36
C LEU A 216 -13.39 5.02 -12.13
N TYR A 217 -13.66 4.44 -10.97
CA TYR A 217 -12.88 4.73 -9.78
C TYR A 217 -11.40 4.49 -10.04
N ASP A 218 -11.06 3.32 -10.58
CA ASP A 218 -9.66 3.00 -10.86
C ASP A 218 -9.07 3.96 -11.88
N HIS A 219 -9.87 4.35 -12.88
CA HIS A 219 -9.42 5.34 -13.85
C HIS A 219 -9.03 6.65 -13.16
N TYR A 220 -9.89 7.13 -12.26
CA TYR A 220 -9.61 8.41 -11.61
C TYR A 220 -8.48 8.31 -10.59
N MET A 221 -8.36 7.16 -9.91
CA MET A 221 -7.23 6.98 -9.00
C MET A 221 -5.92 6.96 -9.78
N LEU A 222 -5.92 6.34 -10.96
CA LEU A 222 -4.72 6.35 -11.80
CA LEU A 222 -4.72 6.34 -11.79
C LEU A 222 -4.41 7.75 -12.28
N GLU A 223 -5.44 8.52 -12.63
CA GLU A 223 -5.22 9.91 -13.02
C GLU A 223 -4.65 10.73 -11.87
N LEU A 224 -5.18 10.55 -10.65
CA LEU A 224 -4.60 11.25 -9.51
C LEU A 224 -3.15 10.88 -9.31
N HIS A 225 -2.86 9.58 -9.30
CA HIS A 225 -1.51 9.07 -9.15
C HIS A 225 -0.58 9.67 -10.20
N ASP A 226 -0.94 9.53 -11.48
CA ASP A 226 -0.08 9.95 -12.57
C ASP A 226 0.03 11.47 -12.65
N LYS A 227 -1.11 12.18 -12.71
CA LYS A 227 -1.05 13.63 -12.84
C LYS A 227 -0.42 14.27 -11.62
N GLY A 228 -0.65 13.72 -10.43
CA GLY A 228 0.01 14.26 -9.24
C GLY A 228 1.52 14.13 -9.32
N LYS A 229 2.01 12.99 -9.83
CA LYS A 229 3.46 12.80 -9.97
C LYS A 229 4.07 13.73 -11.00
N LEU A 230 3.31 14.09 -12.05
CA LEU A 230 3.81 14.97 -13.10
C LEU A 230 3.70 16.44 -12.74
N ASP A 231 2.95 16.78 -11.70
CA ASP A 231 2.74 18.16 -11.27
C ASP A 231 3.93 18.55 -10.40
N LEU A 232 4.97 19.09 -11.05
CA LEU A 232 6.23 19.33 -10.35
C LEU A 232 6.08 20.38 -9.25
N GLU A 233 5.27 21.42 -9.49
CA GLU A 233 5.06 22.42 -8.45
C GLU A 233 4.37 21.82 -7.24
N TYR A 234 3.38 20.95 -7.46
CA TYR A 234 2.71 20.30 -6.34
C TYR A 234 3.68 19.39 -5.58
N GLN A 235 4.51 18.66 -6.31
CA GLN A 235 5.50 17.78 -5.66
C GLN A 235 6.44 18.57 -4.78
N LYS A 236 6.85 19.76 -5.22
CA LYS A 236 7.82 20.53 -4.46
C LYS A 236 7.18 21.30 -3.31
N ASN A 237 5.96 21.83 -3.52
CA ASN A 237 5.40 22.84 -2.62
C ASN A 237 4.27 22.35 -1.74
N SER A 238 3.65 21.22 -2.04
CA SER A 238 2.50 20.81 -1.25
C SER A 238 2.92 20.46 0.18
N PRO A 239 2.00 20.58 1.14
CA PRO A 239 2.35 20.24 2.54
C PRO A 239 2.80 18.79 2.65
N GLN A 240 3.91 18.57 3.35
CA GLN A 240 4.43 17.22 3.50
C GLN A 240 5.44 17.19 4.63
N VAL A 241 5.54 16.03 5.29
CA VAL A 241 6.50 15.83 6.37
CA VAL A 241 6.49 15.81 6.38
C VAL A 241 7.44 14.68 5.99
N ALA A 242 8.72 14.86 6.28
CA ALA A 242 9.72 13.83 6.06
C ALA A 242 9.90 13.05 7.36
N PHE A 243 9.81 11.72 7.28
CA PHE A 243 9.98 10.90 8.47
C PHE A 243 10.83 9.68 8.15
N ASP A 244 11.78 9.38 9.03
CA ASP A 244 12.64 8.21 8.88
C ASP A 244 12.09 7.07 9.73
N PHE A 245 11.62 6.01 9.08
CA PHE A 245 11.21 4.82 9.81
C PHE A 245 12.45 4.02 10.19
N PRO A 246 12.74 3.85 11.48
CA PRO A 246 13.99 3.20 11.87
C PRO A 246 14.03 1.73 11.47
N ALA A 247 15.24 1.22 11.34
CA ALA A 247 15.41 -0.22 11.23
C ALA A 247 14.77 -0.89 12.44
N GLY A 248 14.09 -2.00 12.20
CA GLY A 248 13.39 -2.68 13.27
C GLY A 248 12.04 -2.13 13.62
N SER A 249 11.45 -1.28 12.77
CA SER A 249 10.10 -0.76 12.98
C SER A 249 9.14 -1.28 11.93
N THR A 250 7.86 -1.07 12.21
CA THR A 250 6.76 -1.48 11.34
C THR A 250 5.77 -0.33 11.26
N TRP A 251 5.10 -0.19 10.12
CA TRP A 251 4.04 0.80 9.99
C TRP A 251 2.92 0.29 9.11
N ILE A 252 1.73 0.88 9.28
CA ILE A 252 0.50 0.41 8.66
C ILE A 252 -0.23 1.63 8.09
N VAL A 253 -0.73 1.52 6.86
CA VAL A 253 -1.28 2.69 6.20
C VAL A 253 -2.17 2.24 5.03
N PHE A 254 -3.30 2.93 4.86
CA PHE A 254 -4.07 2.84 3.61
C PHE A 254 -3.31 3.64 2.56
N THR A 255 -2.54 2.96 1.71
CA THR A 255 -1.70 3.68 0.75
C THR A 255 -2.49 4.21 -0.45
N ASP A 256 -3.76 3.82 -0.60
CA ASP A 256 -4.64 4.47 -1.58
C ASP A 256 -5.21 5.79 -1.07
N GLN A 257 -4.94 6.16 0.18
CA GLN A 257 -5.50 7.34 0.78
C GLN A 257 -4.44 8.29 1.31
N VAL A 258 -3.33 7.76 1.79
CA VAL A 258 -2.25 8.54 2.37
C VAL A 258 -1.22 8.82 1.30
N LEU A 259 -1.00 10.10 1.00
CA LEU A 259 0.05 10.48 0.07
CA LEU A 259 0.06 10.49 0.08
C LEU A 259 1.41 10.11 0.65
N HIS A 260 2.22 9.38 -0.13
CA HIS A 260 3.49 8.91 0.38
C HIS A 260 4.52 8.90 -0.73
N ALA A 261 5.79 8.89 -0.33
CA ALA A 261 6.94 8.79 -1.21
C ALA A 261 8.08 8.23 -0.39
N VAL A 262 9.04 7.58 -1.05
CA VAL A 262 10.22 7.06 -0.37
C VAL A 262 11.46 7.63 -1.04
N ASP A 263 12.41 8.08 -0.23
CA ASP A 263 13.62 8.74 -0.71
C ASP A 263 14.88 7.90 -0.59
N LYS A 264 14.99 7.05 0.43
CA LYS A 264 16.17 6.22 0.58
C LYS A 264 15.85 5.08 1.53
N GLY A 265 16.66 4.04 1.46
CA GLY A 265 16.56 2.89 2.35
C GLY A 265 16.74 1.60 1.57
N GLN A 266 16.96 0.53 2.32
CA GLN A 266 17.21 -0.77 1.69
C GLN A 266 16.77 -1.87 2.66
N PHE A 267 16.07 -2.87 2.10
CA PHE A 267 15.60 -4.07 2.81
C PHE A 267 14.28 -3.79 3.53
N LEU A 268 13.19 -4.08 2.83
CA LEU A 268 11.84 -3.83 3.32
C LEU A 268 11.00 -5.06 3.02
N LEU A 269 10.19 -5.46 3.99
CA LEU A 269 9.10 -6.39 3.75
C LEU A 269 7.80 -5.61 3.75
N GLU A 270 6.88 -5.98 2.86
CA GLU A 270 5.62 -5.29 2.72
C GLU A 270 4.53 -6.32 2.47
N GLN A 271 3.36 -6.11 3.07
CA GLN A 271 2.23 -7.00 2.87
C GLN A 271 1.00 -6.17 2.52
N THR A 272 0.38 -6.49 1.38
CA THR A 272 -0.87 -5.85 0.99
C THR A 272 -2.07 -6.65 1.46
N PHE A 273 -3.09 -5.94 1.94
CA PHE A 273 -4.40 -6.47 2.24
C PHE A 273 -5.45 -5.65 1.48
N HIS A 274 -6.57 -6.29 1.17
CA HIS A 274 -7.71 -5.61 0.59
C HIS A 274 -8.89 -5.64 1.55
N LEU A 275 -9.70 -4.59 1.47
CA LEU A 275 -10.85 -4.46 2.35
C LEU A 275 -11.95 -3.77 1.56
N LYS A 276 -13.15 -4.34 1.58
CA LYS A 276 -14.27 -3.69 0.91
C LYS A 276 -14.67 -2.43 1.66
N VAL A 277 -15.13 -1.43 0.90
CA VAL A 277 -15.48 -0.14 1.48
C VAL A 277 -16.57 -0.28 2.54
N ASN A 278 -17.53 -1.18 2.31
CA ASN A 278 -18.62 -1.31 3.28
C ASN A 278 -18.21 -1.96 4.59
N ALA A 279 -16.98 -2.47 4.69
CA ALA A 279 -16.46 -2.98 5.94
C ALA A 279 -15.80 -1.91 6.79
N LEU A 280 -15.60 -0.71 6.24
CA LEU A 280 -14.96 0.37 7.00
C LEU A 280 -15.90 0.89 8.08
N LYS A 281 -15.30 1.40 9.15
CA LYS A 281 -16.09 2.05 10.19
C LYS A 281 -16.74 3.32 9.66
N HIS A 282 -16.04 4.06 8.80
CA HIS A 282 -16.52 5.33 8.25
C HIS A 282 -16.36 5.29 6.74
N PRO A 283 -17.24 4.58 6.02
CA PRO A 283 -17.05 4.43 4.56
C PRO A 283 -16.95 5.74 3.82
N GLU A 284 -17.57 6.80 4.32
CA GLU A 284 -17.56 8.10 3.66
C GLU A 284 -16.16 8.72 3.59
N LYS A 285 -15.21 8.23 4.39
CA LYS A 285 -13.83 8.70 4.32
C LYS A 285 -13.00 7.99 3.28
N SER A 286 -13.55 6.98 2.61
CA SER A 286 -12.76 6.21 1.65
C SER A 286 -12.55 7.01 0.36
N PRO A 287 -11.44 6.77 -0.35
CA PRO A 287 -11.29 7.39 -1.67
C PRO A 287 -12.46 7.14 -2.59
N LEU A 288 -13.04 5.93 -2.58
CA LEU A 288 -14.17 5.66 -3.46
C LEU A 288 -15.31 6.63 -3.18
N LYS A 289 -15.72 6.75 -1.90
CA LYS A 289 -16.88 7.58 -1.60
C LYS A 289 -16.56 9.06 -1.79
N LEU A 290 -15.33 9.47 -1.46
CA LEU A 290 -14.94 10.86 -1.70
C LEU A 290 -14.99 11.19 -3.19
N LEU A 291 -14.51 10.28 -4.03
CA LEU A 291 -14.58 10.51 -5.48
C LEU A 291 -16.02 10.47 -5.97
N GLU A 292 -16.82 9.52 -5.49
CA GLU A 292 -18.22 9.46 -5.93
C GLU A 292 -18.97 10.72 -5.54
N THR A 293 -18.69 11.28 -4.36
CA THR A 293 -19.31 12.54 -3.98
C THR A 293 -18.81 13.68 -4.84
N ALA A 294 -17.50 13.75 -5.08
CA ALA A 294 -16.93 14.86 -5.83
C ALA A 294 -17.41 14.88 -7.28
N LEU A 295 -17.61 13.70 -7.88
CA LEU A 295 -18.06 13.62 -9.26
C LEU A 295 -19.55 13.31 -9.40
N ASN A 296 -20.26 13.21 -8.28
CA ASN A 296 -21.69 12.91 -8.22
C ASN A 296 -22.10 11.74 -9.12
N LYS A 297 -21.39 10.65 -9.02
CA LYS A 297 -21.76 9.49 -9.79
C LYS A 297 -21.20 8.21 -9.19
N LYS A 298 -21.82 7.11 -9.60
CA LYS A 298 -21.36 5.77 -9.21
C LYS A 298 -20.13 5.47 -10.05
N LEU A 299 -19.04 5.12 -9.37
CA LEU A 299 -17.77 4.89 -10.03
C LEU A 299 -17.32 3.44 -10.18
N VAL A 300 -18.12 2.53 -9.63
CA VAL A 300 -17.86 1.11 -9.82
C VAL A 300 -19.19 0.45 -10.13
N SER A 301 -19.32 -0.13 -11.32
CA SER A 301 -20.62 -0.65 -11.69
C SER A 301 -20.94 -1.94 -10.94
N SER A 302 -19.92 -2.64 -10.44
CA SER A 302 -20.11 -3.88 -9.69
C SER A 302 -20.38 -3.64 -8.21
N GLU A 303 -20.62 -2.42 -7.79
CA GLU A 303 -20.94 -2.10 -6.41
C GLU A 303 -22.22 -2.77 -6.05
N SER A 304 -22.39 -3.14 -4.78
CA SER A 304 -23.64 -3.69 -4.30
C SER A 304 -24.63 -2.53 -4.21
N PHE A 305 -25.91 -2.84 -4.18
CA PHE A 305 -26.94 -1.83 -4.14
C PHE A 305 -27.68 -1.92 -2.84
N LYS A 306 -27.73 -0.83 -2.13
CA LYS A 306 -28.52 -0.71 -0.93
CA LYS A 306 -28.53 -0.74 -0.94
C LYS A 306 -30.00 -0.02 -0.94
N LEU A 307 -30.98 -0.92 -0.87
CA LEU A 307 -32.34 -0.51 -1.11
C LEU A 307 -32.70 0.47 -0.03
N ALA A 308 -32.12 0.30 1.12
CA ALA A 308 -32.38 1.14 2.23
C ALA A 308 -31.33 0.71 3.20
CO CO B . 3.06 3.70 -3.09
C1 AKG C . 4.63 1.71 -1.82
O1 AKG C . 5.01 0.61 -1.31
O2 AKG C . 3.42 1.92 -2.07
C2 AKG C . 5.63 2.77 -2.14
O5 AKG C . 5.25 3.82 -2.67
C3 AKG C . 7.07 2.58 -1.80
C4 AKG C . 7.39 2.65 -0.34
C5 AKG C . 8.72 2.10 0.06
O3 AKG C . 9.36 1.36 -0.73
O4 AKG C . 9.19 2.36 1.19
O1 PG4 D . 1.54 -19.07 12.07
C1 PG4 D . 0.54 -18.12 11.94
C2 PG4 D . 0.67 -16.86 12.73
O2 PG4 D . 0.70 -17.00 14.11
C3 PG4 D . 1.35 -16.06 14.88
C4 PG4 D . 1.77 -16.47 16.24
O3 PG4 D . 2.81 -17.37 16.30
C5 PG4 D . 3.56 -17.53 17.44
C6 PG4 D . 4.85 -18.24 17.24
O4 PG4 D . 5.91 -17.47 16.79
C7 PG4 D . 7.02 -18.08 16.25
C8 PG4 D . 8.03 -17.20 15.56
O5 PG4 D . 7.83 -16.88 14.24
O2 PG4 E . -2.64 -14.75 17.37
C3 PG4 E . -3.44 -14.32 16.35
C4 PG4 E . -4.91 -14.28 16.57
O3 PG4 E . -5.66 -13.49 15.72
C5 PG4 E . -7.04 -13.60 15.74
C6 PG4 E . -7.79 -12.70 16.68
O4 PG4 E . -9.16 -12.64 16.54
C7 PG4 E . -9.90 -12.07 17.56
C8 PG4 E . -11.33 -11.73 17.30
O5 PG4 E . -11.65 -11.18 16.09
O2 PG4 F . -15.44 -3.60 -11.30
C3 PG4 F . -16.02 -3.41 -12.53
C4 PG4 F . -17.08 -2.36 -12.64
O3 PG4 F . -16.68 -1.05 -12.82
C5 PG4 F . -17.25 -0.23 -13.76
C6 PG4 F . -17.21 1.23 -13.49
O4 PG4 F . -17.04 2.06 -14.56
C7 PG4 F . -17.48 1.61 -15.78
C8 PG4 F . -18.20 2.57 -16.65
O5 PG4 F . -19.04 2.03 -17.61
O2 PG4 G . 14.21 14.76 -0.65
C3 PG4 G . 13.04 14.80 -1.39
C4 PG4 G . 12.68 16.07 -2.06
O3 PG4 G . 11.34 16.35 -2.24
C5 PG4 G . 10.93 17.67 -2.32
C6 PG4 G . 9.73 18.05 -1.53
O4 PG4 G . 9.90 18.16 -0.17
S SO4 H . -16.48 -9.89 3.02
O1 SO4 H . -16.08 -11.01 3.87
O2 SO4 H . -15.94 -10.09 1.68
O3 SO4 H . -17.95 -9.83 2.95
O4 SO4 H . -15.96 -8.65 3.56
S SO4 I . -14.31 15.13 -14.59
O1 SO4 I . -15.66 14.59 -14.50
O2 SO4 I . -13.54 14.31 -15.52
O3 SO4 I . -14.37 16.50 -15.10
O4 SO4 I . -13.68 15.11 -13.28
S SO4 J . -4.39 -8.51 -6.05
O1 SO4 J . -5.48 -9.23 -5.38
O2 SO4 J . -3.28 -9.43 -6.11
O3 SO4 J . -5.00 -8.07 -7.29
O4 SO4 J . -3.78 -7.37 -5.37
C ACT K . 1.58 -2.15 -12.95
O ACT K . 0.35 -2.17 -12.71
OXT ACT K . 1.91 -1.87 -14.13
CH3 ACT K . 2.61 -2.44 -11.90
C ACT L . -3.34 -3.89 -5.78
O ACT L . -3.49 -3.97 -4.54
OXT ACT L . -4.29 -3.40 -6.42
CH3 ACT L . -2.09 -4.38 -6.45
C ACT M . -20.66 -5.37 0.00
O ACT M . -20.63 -6.51 0.50
OXT ACT M . -21.50 -4.58 0.49
CH3 ACT M . -19.71 -4.96 -1.08
C ACT N . -23.12 9.34 -5.18
O ACT N . -22.51 8.50 -4.49
OXT ACT N . -23.18 10.50 -4.70
CH3 ACT N . -23.76 8.99 -6.48
C ACT O . -16.97 4.09 -21.48
O ACT O . -16.59 3.78 -22.64
OXT ACT O . -16.29 4.98 -20.92
CH3 ACT O . -18.14 3.43 -20.82
C ACT P . -3.41 2.77 -19.76
O ACT P . -3.06 1.94 -18.88
OXT ACT P . -4.01 3.77 -19.32
CH3 ACT P . -3.12 2.58 -21.22
C1 GOL Q . 11.46 2.83 -6.01
O1 GOL Q . 10.59 3.44 -5.09
C2 GOL Q . 10.94 3.06 -7.42
O2 GOL Q . 10.68 4.43 -7.62
C3 GOL Q . 9.65 2.27 -7.61
O3 GOL Q . 9.18 2.42 -8.94
CL CL R . -0.05 2.43 22.09
CL CL S . -15.02 1.19 -21.94
CL CL T . 17.44 -26.91 -7.81
#